data_4A2Z
#
_entry.id   4A2Z
#
_cell.length_a   48.498
_cell.length_b   90.977
_cell.length_c   53.459
_cell.angle_alpha   90.00
_cell.angle_beta   114.05
_cell.angle_gamma   90.00
#
_symmetry.space_group_name_H-M   'P 1 21 1'
#
loop_
_entity.id
_entity.type
_entity.pdbx_description
1 polymer 'GLYCYLPEPTIDE N-TETRADECANOYLTRANSFERASE'
2 non-polymer GLYCEROL
3 non-polymer 4-METHOXY-2,3,6-TRIMETHYL-N-(1,3,5-TRIMETHYL-1H-PYRAZOL-4-YL)BENZENESULFONAMIDE
4 non-polymer TETRADECANOYL-COA
5 non-polymer 'CHLORIDE ION'
6 water water
#
_entity_poly.entity_id   1
_entity_poly.type   'polypeptide(L)'
_entity_poly.pdbx_seq_one_letter_code
;MGSSHHHHHHSSGRENLYFQGPSNSDAAHAFWSTQPVPQTEDETEKIVFAGPMDEPKTVADIPEEPYPIASTFEWWTPNM
EAADDIHAIYELLRDNYVEDDDSMFRFNYSEEFLQWALCPPNYIPDWHVAVRRKADKKLLAFIAGVPVTLRMGTPKYMKV
KAQEKGEGEEAAKYDEPRHICEINFLCVHKQLREKRLAPILIKEATRRVNRTNVWQAVYTAGVLLPTPYASGQYFHRSLN
PEKLVEIRFSGIPAQYQKFQNPMAMLKRNYQLPSAPKNSGLREMKPSDVPQVRRILMNYLDSFDVGPVFSDAEISHYLLP
RDGVVFTYVVENDKKVTDFFSFYRIPSTVIGNSNYNLLNAAYVHYYAATSIPLHQLILDLLIVAHSRGFDVCNMVEILDN
RSFVEQLKFGAGDGHLRYYFYNWAYPKIKPSQVALVML
;
_entity_poly.pdbx_strand_id   A
#
# COMPACT_ATOMS: atom_id res chain seq x y z
N ALA A 28 -6.64 -23.72 10.84
CA ALA A 28 -5.36 -23.71 11.65
C ALA A 28 -4.06 -23.47 10.80
N HIS A 29 -3.05 -22.90 11.44
CA HIS A 29 -2.00 -22.25 10.70
C HIS A 29 -0.68 -22.73 11.23
N ALA A 30 -0.11 -23.75 10.60
CA ALA A 30 1.12 -24.37 11.07
C ALA A 30 2.26 -23.33 11.24
N PHE A 31 2.27 -22.29 10.39
CA PHE A 31 3.26 -21.22 10.53
C PHE A 31 2.84 -20.10 11.49
N TRP A 32 1.67 -19.49 11.26
CA TRP A 32 1.32 -18.24 11.94
C TRP A 32 1.03 -18.42 13.38
N SER A 33 0.65 -19.64 13.72
CA SER A 33 0.49 -20.07 15.12
C SER A 33 1.84 -20.07 15.89
N THR A 34 2.97 -20.08 15.18
CA THR A 34 4.27 -19.98 15.86
C THR A 34 4.80 -18.52 16.02
N GLN A 35 3.97 -17.52 15.67
CA GLN A 35 4.49 -16.15 15.47
C GLN A 35 3.84 -15.18 16.41
N PRO A 36 4.58 -14.09 16.75
CA PRO A 36 4.05 -13.08 17.69
C PRO A 36 3.02 -12.13 17.03
N VAL A 37 1.82 -12.66 16.76
CA VAL A 37 0.69 -11.95 16.20
C VAL A 37 -0.53 -12.45 16.96
N PRO A 38 -1.59 -11.66 17.06
CA PRO A 38 -2.80 -12.24 17.64
C PRO A 38 -3.39 -13.36 16.76
N GLN A 39 -3.95 -14.38 17.41
CA GLN A 39 -4.27 -15.65 16.73
C GLN A 39 -5.73 -15.77 16.24
N THR A 40 -6.60 -14.96 16.82
CA THR A 40 -8.04 -14.97 16.54
C THR A 40 -8.59 -13.53 16.57
N GLU A 41 -9.74 -13.30 15.91
CA GLU A 41 -10.56 -12.10 16.08
C GLU A 41 -10.84 -11.92 17.54
N ASP A 42 -11.14 -13.03 18.21
CA ASP A 42 -11.36 -13.00 19.66
C ASP A 42 -10.20 -12.47 20.54
N GLU A 43 -8.97 -12.55 20.06
CA GLU A 43 -7.87 -11.95 20.81
C GLU A 43 -7.78 -10.43 20.52
N THR A 44 -7.90 -10.03 19.25
CA THR A 44 -7.75 -8.60 18.94
C THR A 44 -8.97 -7.76 19.31
N GLU A 45 -10.15 -8.37 19.35
CA GLU A 45 -11.32 -7.65 19.88
C GLU A 45 -11.28 -7.40 21.40
N LYS A 46 -10.32 -8.05 22.08
CA LYS A 46 -10.07 -7.90 23.53
C LYS A 46 -8.99 -6.85 23.84
N ILE A 47 -8.03 -6.65 22.92
CA ILE A 47 -6.84 -5.81 23.17
C ILE A 47 -7.19 -4.37 23.45
N VAL A 48 -6.51 -3.78 24.45
CA VAL A 48 -6.79 -2.39 24.80
C VAL A 48 -5.62 -1.46 24.50
N PHE A 49 -4.42 -1.86 24.83
CA PHE A 49 -3.30 -0.98 24.65
C PHE A 49 -2.36 -1.47 23.55
N ALA A 50 -1.76 -0.53 22.83
CA ALA A 50 -0.63 -0.84 21.95
C ALA A 50 0.52 -1.35 22.76
N GLY A 51 1.27 -2.29 22.18
CA GLY A 51 2.49 -2.78 22.78
C GLY A 51 3.00 -4.03 22.05
N PRO A 52 4.23 -4.46 22.33
CA PRO A 52 4.82 -5.60 21.66
C PRO A 52 4.23 -6.94 22.19
N MET A 53 4.50 -8.04 21.49
CA MET A 53 3.94 -9.31 21.96
C MET A 53 5.05 -10.16 22.53
N ASP A 54 6.10 -10.28 21.75
CA ASP A 54 7.23 -11.13 22.09
C ASP A 54 7.92 -10.74 23.40
N GLU A 55 8.70 -11.69 23.94
CA GLU A 55 9.79 -11.37 24.86
C GLU A 55 10.66 -10.26 24.23
N PRO A 56 11.15 -9.30 25.04
CA PRO A 56 12.17 -8.39 24.55
C PRO A 56 13.50 -9.12 24.24
N LYS A 57 14.13 -8.75 23.14
CA LYS A 57 15.36 -9.38 22.73
C LYS A 57 16.38 -8.33 22.32
N THR A 58 17.53 -8.81 21.87
CA THR A 58 18.62 -7.93 21.52
C THR A 58 19.16 -8.44 20.23
N VAL A 59 19.84 -7.58 19.48
CA VAL A 59 20.50 -8.02 18.27
C VAL A 59 21.36 -9.24 18.56
N ALA A 60 22.07 -9.22 19.70
CA ALA A 60 22.97 -10.30 20.14
C ALA A 60 22.24 -11.67 20.29
N ASP A 61 20.94 -11.65 20.60
CA ASP A 61 20.15 -12.85 20.61
C ASP A 61 19.85 -13.45 19.22
N ILE A 62 20.11 -12.68 18.16
CA ILE A 62 19.59 -13.06 16.86
C ILE A 62 20.67 -13.73 16.08
N PRO A 63 20.40 -14.91 15.52
CA PRO A 63 21.42 -15.66 14.79
C PRO A 63 22.06 -14.79 13.75
N GLU A 64 23.38 -14.85 13.62
CA GLU A 64 24.06 -14.11 12.56
C GLU A 64 24.06 -14.79 11.16
N GLU A 65 23.83 -16.11 11.13
CA GLU A 65 23.79 -16.91 9.91
C GLU A 65 22.39 -16.87 9.34
N PRO A 66 22.30 -16.75 8.00
CA PRO A 66 21.00 -16.83 7.33
C PRO A 66 20.32 -18.16 7.67
N TYR A 67 19.01 -18.13 7.61
CA TYR A 67 18.21 -19.28 7.91
C TYR A 67 18.54 -20.42 6.91
N PRO A 68 18.69 -21.67 7.41
CA PRO A 68 18.95 -22.83 6.57
C PRO A 68 17.87 -22.97 5.50
N ILE A 69 18.31 -23.19 4.27
CA ILE A 69 17.44 -23.66 3.20
C ILE A 69 18.03 -24.88 2.49
N ALA A 70 17.23 -25.56 1.69
CA ALA A 70 17.73 -26.74 0.97
C ALA A 70 18.93 -26.41 0.04
N SER A 71 19.78 -27.41 -0.14
CA SER A 71 21.11 -27.27 -0.71
C SER A 71 21.12 -26.76 -2.17
N THR A 72 19.97 -26.92 -2.86
CA THR A 72 19.74 -26.54 -4.25
C THR A 72 19.43 -25.05 -4.39
N PHE A 73 19.01 -24.42 -3.31
CA PHE A 73 18.73 -22.99 -3.34
C PHE A 73 19.82 -22.21 -2.63
N GLU A 74 19.86 -20.90 -2.88
CA GLU A 74 20.67 -19.97 -2.11
C GLU A 74 19.91 -18.63 -1.88
N TRP A 75 20.27 -17.93 -0.80
CA TRP A 75 19.80 -16.60 -0.50
C TRP A 75 20.51 -15.59 -1.39
N TRP A 76 19.81 -14.57 -1.89
CA TRP A 76 20.45 -13.47 -2.65
C TRP A 76 19.96 -12.12 -2.16
N THR A 77 20.86 -11.16 -2.01
CA THR A 77 20.47 -9.77 -1.83
C THR A 77 20.60 -9.03 -3.16
N PRO A 78 19.47 -8.77 -3.83
CA PRO A 78 19.49 -7.98 -5.06
C PRO A 78 20.06 -6.61 -4.78
N ASN A 79 20.81 -6.09 -5.75
CA ASN A 79 21.19 -4.69 -5.75
C ASN A 79 20.15 -3.86 -6.56
N MET A 80 19.45 -2.98 -5.85
CA MET A 80 18.34 -2.21 -6.43
C MET A 80 18.77 -1.04 -7.27
N GLU A 81 20.08 -0.84 -7.45
CA GLU A 81 20.61 0.19 -8.36
C GLU A 81 21.17 -0.46 -9.62
N ALA A 82 21.14 -1.78 -9.59
CA ALA A 82 21.43 -2.62 -10.75
C ALA A 82 20.14 -2.91 -11.57
N ALA A 83 20.06 -2.27 -12.76
CA ALA A 83 18.97 -2.47 -13.72
C ALA A 83 18.66 -3.92 -13.96
N ASP A 84 19.68 -4.77 -13.92
CA ASP A 84 19.44 -6.16 -14.26
C ASP A 84 18.90 -6.98 -13.06
N ASP A 85 19.24 -6.58 -11.83
CA ASP A 85 18.64 -7.19 -10.65
C ASP A 85 17.16 -6.76 -10.53
N ILE A 86 16.89 -5.46 -10.65
CA ILE A 86 15.55 -4.91 -10.73
C ILE A 86 14.75 -5.67 -11.77
N HIS A 87 15.35 -5.93 -12.93
CA HIS A 87 14.66 -6.59 -14.03
C HIS A 87 14.28 -8.02 -13.66
N ALA A 88 15.20 -8.73 -12.99
CA ALA A 88 14.94 -10.09 -12.57
C ALA A 88 13.77 -10.11 -11.58
N ILE A 89 13.71 -9.12 -10.70
CA ILE A 89 12.57 -9.00 -9.76
C ILE A 89 11.28 -8.64 -10.51
N TYR A 90 11.39 -7.72 -11.46
CA TYR A 90 10.31 -7.29 -12.34
C TYR A 90 9.65 -8.49 -13.00
N GLU A 91 10.48 -9.33 -13.63
CA GLU A 91 9.96 -10.54 -14.32
C GLU A 91 9.29 -11.52 -13.36
N LEU A 92 9.89 -11.72 -12.20
CA LEU A 92 9.28 -12.62 -11.23
C LEU A 92 7.91 -12.09 -10.85
N LEU A 93 7.81 -10.80 -10.63
CA LEU A 93 6.53 -10.22 -10.19
C LEU A 93 5.52 -10.20 -11.33
N ARG A 94 5.97 -9.85 -12.52
CA ARG A 94 5.10 -9.86 -13.73
C ARG A 94 4.39 -11.21 -13.93
N ASP A 95 5.15 -12.30 -13.77
CA ASP A 95 4.59 -13.63 -13.95
C ASP A 95 3.98 -14.33 -12.69
N ASN A 96 4.30 -13.84 -11.50
CA ASN A 96 3.90 -14.58 -10.31
C ASN A 96 3.31 -13.78 -9.14
N TYR A 97 3.10 -12.48 -9.30
CA TYR A 97 2.68 -11.68 -8.16
C TYR A 97 1.15 -11.70 -8.06
N VAL A 98 0.56 -10.72 -7.38
CA VAL A 98 -0.89 -10.68 -7.09
C VAL A 98 -1.88 -10.78 -8.29
N GLU A 99 -2.71 -11.82 -8.21
CA GLU A 99 -3.84 -12.03 -9.08
C GLU A 99 -5.13 -11.78 -8.34
N ASP A 100 -6.15 -11.36 -9.07
CA ASP A 100 -7.47 -11.40 -8.49
C ASP A 100 -7.93 -12.86 -8.32
N ASP A 101 -8.96 -13.06 -7.52
CA ASP A 101 -9.59 -14.37 -7.32
C ASP A 101 -10.02 -15.14 -8.56
N ASP A 102 -10.38 -14.41 -9.62
CA ASP A 102 -10.87 -15.05 -10.85
C ASP A 102 -9.76 -15.16 -11.91
N SER A 103 -8.53 -14.93 -11.49
CA SER A 103 -7.39 -14.93 -12.40
C SER A 103 -7.63 -14.22 -13.76
N MET A 104 -8.14 -13.00 -13.70
CA MET A 104 -8.35 -12.15 -14.86
C MET A 104 -7.25 -11.08 -14.99
N PHE A 105 -6.73 -10.64 -13.82
CA PHE A 105 -5.69 -9.58 -13.75
C PHE A 105 -4.55 -9.93 -12.84
N ARG A 106 -3.35 -9.53 -13.21
CA ARG A 106 -2.18 -9.69 -12.36
C ARG A 106 -1.37 -8.38 -12.43
N PHE A 107 -0.81 -7.93 -11.30
CA PHE A 107 -0.06 -6.67 -11.30
C PHE A 107 1.16 -6.79 -12.22
N ASN A 108 1.52 -5.67 -12.84
CA ASN A 108 2.68 -5.60 -13.68
C ASN A 108 3.44 -4.33 -13.29
N TYR A 109 3.95 -4.34 -12.08
CA TYR A 109 4.66 -3.19 -11.56
C TYR A 109 5.84 -2.96 -12.46
N SER A 110 6.10 -1.71 -12.82
CA SER A 110 7.16 -1.46 -13.73
C SER A 110 8.49 -1.47 -12.95
N GLU A 111 9.60 -1.52 -13.71
CA GLU A 111 10.94 -1.48 -13.13
C GLU A 111 11.24 -0.16 -12.41
N GLU A 112 10.81 0.95 -12.98
CA GLU A 112 11.01 2.23 -12.40
C GLU A 112 10.20 2.32 -11.10
N PHE A 113 9.03 1.71 -11.07
CA PHE A 113 8.15 1.72 -9.91
C PHE A 113 8.86 0.92 -8.80
N LEU A 114 9.41 -0.26 -9.15
CA LEU A 114 10.15 -1.11 -8.21
C LEU A 114 11.37 -0.42 -7.62
N GLN A 115 12.11 0.31 -8.46
CA GLN A 115 13.24 1.06 -7.90
C GLN A 115 12.77 2.13 -6.91
N TRP A 116 11.68 2.82 -7.25
CA TRP A 116 11.15 3.89 -6.41
C TRP A 116 10.65 3.31 -5.10
N ALA A 117 9.89 2.22 -5.18
CA ALA A 117 9.31 1.64 -3.96
C ALA A 117 10.34 0.93 -3.06
N LEU A 118 11.40 0.37 -3.67
CA LEU A 118 12.34 -0.42 -2.86
C LEU A 118 13.51 0.39 -2.32
N CYS A 119 13.75 1.56 -2.90
CA CYS A 119 14.87 2.41 -2.49
C CYS A 119 14.50 3.76 -1.89
N PRO A 120 13.66 3.77 -0.86
CA PRO A 120 13.43 5.11 -0.33
C PRO A 120 14.67 5.60 0.48
N PRO A 121 14.66 6.85 0.96
CA PRO A 121 15.85 7.32 1.67
C PRO A 121 16.19 6.44 2.89
N ASN A 122 17.47 6.17 3.08
CA ASN A 122 17.93 5.34 4.19
C ASN A 122 17.42 3.90 4.21
N TYR A 123 17.04 3.36 3.05
CA TYR A 123 16.72 1.92 2.92
C TYR A 123 17.94 1.03 3.30
N ILE A 124 17.66 -0.15 3.81
CA ILE A 124 18.70 -1.10 4.17
C ILE A 124 18.70 -2.18 3.08
N PRO A 125 19.77 -2.27 2.27
CA PRO A 125 19.68 -3.26 1.16
C PRO A 125 19.43 -4.67 1.67
N ASP A 126 20.02 -5.00 2.80
CA ASP A 126 19.85 -6.32 3.45
C ASP A 126 18.40 -6.77 3.67
N TRP A 127 17.50 -5.80 3.76
CA TRP A 127 16.06 -6.11 3.89
C TRP A 127 15.41 -6.55 2.61
N HIS A 128 16.14 -6.64 1.50
CA HIS A 128 15.55 -7.14 0.29
C HIS A 128 16.04 -8.58 0.12
N VAL A 129 15.10 -9.51 0.15
CA VAL A 129 15.43 -10.91 0.37
C VAL A 129 14.92 -11.75 -0.77
N ALA A 130 15.82 -12.51 -1.39
CA ALA A 130 15.47 -13.34 -2.53
C ALA A 130 16.10 -14.75 -2.46
N VAL A 131 15.36 -15.74 -2.93
CA VAL A 131 15.81 -17.10 -3.04
C VAL A 131 16.03 -17.38 -4.51
N ARG A 132 17.25 -17.82 -4.84
CA ARG A 132 17.66 -18.19 -6.20
C ARG A 132 17.99 -19.67 -6.26
N ARG A 133 17.89 -20.23 -7.44
CA ARG A 133 18.31 -21.59 -7.67
C ARG A 133 19.83 -21.55 -7.83
N LYS A 134 20.53 -22.37 -7.06
CA LYS A 134 22.00 -22.38 -7.05
C LYS A 134 22.57 -22.56 -8.46
N ALA A 135 22.07 -23.58 -9.18
CA ALA A 135 22.54 -23.89 -10.54
C ALA A 135 22.48 -22.67 -11.48
N ASP A 136 21.28 -22.43 -12.05
CA ASP A 136 20.99 -21.36 -13.05
C ASP A 136 20.84 -19.91 -12.53
N LYS A 137 20.77 -19.72 -11.22
CA LYS A 137 20.47 -18.40 -10.62
C LYS A 137 19.08 -17.86 -11.09
N LYS A 138 18.14 -18.76 -11.35
CA LYS A 138 16.78 -18.36 -11.61
C LYS A 138 16.13 -17.91 -10.29
N LEU A 139 15.59 -16.69 -10.31
CA LEU A 139 14.92 -16.10 -9.16
C LEU A 139 13.61 -16.81 -8.98
N LEU A 140 13.40 -17.28 -7.74
CA LEU A 140 12.22 -18.11 -7.40
C LEU A 140 11.31 -17.54 -6.29
N ALA A 141 11.82 -16.64 -5.47
CA ALA A 141 10.99 -16.06 -4.40
C ALA A 141 11.58 -14.72 -3.95
N PHE A 142 10.75 -13.85 -3.39
CA PHE A 142 11.23 -12.51 -3.02
C PHE A 142 10.38 -12.02 -1.90
N ILE A 143 10.93 -11.12 -1.10
CA ILE A 143 10.17 -10.34 -0.11
C ILE A 143 10.99 -9.09 0.20
N ALA A 144 10.34 -7.96 0.43
CA ALA A 144 11.04 -6.71 0.65
C ALA A 144 10.56 -5.99 1.92
N GLY A 145 11.48 -5.33 2.61
CA GLY A 145 11.17 -4.48 3.75
C GLY A 145 11.82 -3.16 3.43
N VAL A 146 11.10 -2.08 3.70
CA VAL A 146 11.65 -0.76 3.65
C VAL A 146 11.34 -0.12 5.00
N PRO A 147 12.16 0.86 5.44
CA PRO A 147 11.94 1.49 6.74
C PRO A 147 10.75 2.41 6.70
N VAL A 148 10.00 2.49 7.79
CA VAL A 148 8.97 3.51 7.89
C VAL A 148 8.89 3.98 9.34
N THR A 149 8.62 5.25 9.55
CA THR A 149 8.45 5.81 10.89
C THR A 149 6.94 5.92 11.04
N LEU A 150 6.39 5.08 11.91
CA LEU A 150 4.97 4.98 12.06
C LEU A 150 4.48 5.34 13.48
N ARG A 151 3.48 6.22 13.56
CA ARG A 151 2.76 6.43 14.77
C ARG A 151 1.85 5.21 14.96
N MET A 152 1.97 4.52 16.09
CA MET A 152 1.21 3.27 16.26
C MET A 152 0.96 3.00 17.76
N GLY A 153 0.73 4.08 18.50
CA GLY A 153 0.31 3.94 19.89
C GLY A 153 -1.20 3.76 20.05
N THR A 154 -1.63 3.62 21.30
CA THR A 154 -3.03 3.39 21.56
C THR A 154 -3.91 4.36 20.78
N PRO A 155 -4.98 3.85 20.14
CA PRO A 155 -5.90 4.73 19.43
C PRO A 155 -6.66 5.66 20.39
N LYS A 156 -7.13 6.81 19.91
CA LYS A 156 -7.82 7.82 20.73
C LYS A 156 -9.02 7.31 21.62
N TYR A 157 -9.95 6.57 21.02
CA TYR A 157 -11.08 6.03 21.73
C TYR A 157 -10.62 5.12 22.92
N MET A 158 -9.50 4.42 22.74
CA MET A 158 -9.02 3.56 23.82
C MET A 158 -8.27 4.38 24.87
N LYS A 159 -7.57 5.44 24.47
CA LYS A 159 -6.98 6.39 25.41
C LYS A 159 -8.03 7.05 26.29
N VAL A 160 -9.23 7.26 25.73
CA VAL A 160 -10.37 7.80 26.46
C VAL A 160 -10.75 6.83 27.59
N LYS A 161 -11.12 5.60 27.25
CA LYS A 161 -11.38 4.56 28.22
C LYS A 161 -10.26 4.49 29.26
N ALA A 162 -9.00 4.66 28.85
CA ALA A 162 -7.87 4.55 29.77
C ALA A 162 -7.89 5.59 30.87
N GLN A 163 -8.31 6.80 30.51
CA GLN A 163 -8.39 7.96 31.43
C GLN A 163 -9.48 7.77 32.46
N GLU A 164 -10.67 7.43 31.93
CA GLU A 164 -11.81 6.90 32.69
C GLU A 164 -11.25 5.96 33.79
N LYS A 165 -10.47 4.94 33.38
CA LYS A 165 -9.99 3.86 34.24
C LYS A 165 -8.74 4.12 35.11
N GLY A 166 -8.14 5.31 35.04
CA GLY A 166 -6.84 5.61 35.69
C GLY A 166 -5.55 5.02 35.08
N GLU A 167 -5.66 4.50 33.85
CA GLU A 167 -4.61 3.68 33.19
C GLU A 167 -3.92 4.43 32.04
N GLY A 168 -4.05 5.75 32.08
CA GLY A 168 -3.49 6.63 31.04
C GLY A 168 -2.02 6.46 30.72
N GLU A 169 -1.22 6.10 31.72
CA GLU A 169 0.22 5.95 31.49
C GLU A 169 0.52 4.68 30.72
N GLU A 170 -0.17 3.61 31.08
CA GLU A 170 -0.03 2.40 30.27
C GLU A 170 -0.43 2.64 28.81
N ALA A 171 -1.43 3.49 28.58
CA ALA A 171 -1.97 3.70 27.25
C ALA A 171 -1.10 4.55 26.40
N ALA A 172 -0.22 5.35 27.01
CA ALA A 172 0.55 6.38 26.29
C ALA A 172 1.96 5.91 26.15
N LYS A 173 2.28 4.76 26.74
CA LYS A 173 3.67 4.30 26.78
C LYS A 173 4.39 4.22 25.41
N TYR A 174 3.64 3.89 24.33
CA TYR A 174 4.27 3.63 23.01
C TYR A 174 3.75 4.64 22.00
N ASP A 175 3.57 5.88 22.46
CA ASP A 175 3.11 6.98 21.64
C ASP A 175 4.14 7.53 20.69
N GLU A 176 5.42 7.42 21.01
CA GLU A 176 6.42 8.01 20.10
C GLU A 176 6.43 7.25 18.77
N PRO A 177 6.58 8.00 17.64
CA PRO A 177 6.71 7.31 16.35
C PRO A 177 7.88 6.32 16.38
N ARG A 178 7.67 5.15 15.80
CA ARG A 178 8.63 4.07 15.85
C ARG A 178 9.21 3.80 14.48
N HIS A 179 10.50 3.57 14.44
CA HIS A 179 11.18 3.23 13.22
C HIS A 179 11.08 1.73 13.10
N ILE A 180 10.21 1.29 12.20
CA ILE A 180 9.90 -0.12 12.00
C ILE A 180 10.11 -0.45 10.55
N CYS A 181 9.65 -1.62 10.13
CA CYS A 181 9.84 -2.17 8.79
C CYS A 181 8.49 -2.35 8.12
N GLU A 182 8.42 -1.96 6.85
CA GLU A 182 7.22 -2.09 6.07
C GLU A 182 7.48 -3.19 5.09
N ILE A 183 6.66 -4.22 5.16
CA ILE A 183 6.86 -5.36 4.25
C ILE A 183 5.95 -5.34 3.00
N ASN A 184 6.49 -5.74 1.87
CA ASN A 184 5.73 -5.79 0.62
C ASN A 184 6.44 -6.76 -0.36
N PHE A 185 5.76 -7.02 -1.47
CA PHE A 185 6.27 -7.81 -2.59
C PHE A 185 6.69 -9.23 -2.25
N LEU A 186 6.00 -9.83 -1.29
CA LEU A 186 6.17 -11.26 -1.06
C LEU A 186 5.62 -12.00 -2.27
N CYS A 187 6.40 -12.93 -2.79
CA CYS A 187 6.05 -13.61 -4.01
C CYS A 187 6.84 -14.90 -4.13
N VAL A 188 6.11 -15.99 -4.25
CA VAL A 188 6.75 -17.27 -4.59
C VAL A 188 6.35 -17.68 -6.01
N HIS A 189 7.38 -18.00 -6.80
CA HIS A 189 7.20 -18.55 -8.14
C HIS A 189 6.06 -19.60 -8.19
N LYS A 190 5.26 -19.52 -9.24
CA LYS A 190 4.16 -20.49 -9.46
C LYS A 190 4.52 -21.99 -9.31
N GLN A 191 5.69 -22.37 -9.81
CA GLN A 191 6.09 -23.79 -9.73
C GLN A 191 6.39 -24.24 -8.31
N LEU A 192 6.68 -23.27 -7.44
CA LEU A 192 7.14 -23.58 -6.10
C LEU A 192 6.11 -23.42 -5.00
N ARG A 193 4.85 -23.25 -5.39
CA ARG A 193 3.77 -22.93 -4.44
C ARG A 193 3.34 -24.09 -3.56
N GLU A 194 2.89 -23.77 -2.36
CA GLU A 194 2.42 -24.82 -1.46
C GLU A 194 3.53 -25.77 -0.99
N LYS A 195 4.77 -25.29 -1.06
CA LYS A 195 5.94 -26.06 -0.61
C LYS A 195 6.58 -25.48 0.67
N ARG A 196 5.86 -24.56 1.33
CA ARG A 196 6.26 -24.04 2.63
C ARG A 196 7.47 -23.11 2.52
N LEU A 197 7.68 -22.56 1.33
CA LEU A 197 8.80 -21.64 1.13
C LEU A 197 8.46 -20.22 1.69
N ALA A 198 7.19 -19.81 1.66
CA ALA A 198 6.85 -18.46 2.14
C ALA A 198 7.18 -18.26 3.64
N PRO A 199 6.91 -19.26 4.52
CA PRO A 199 7.34 -19.15 5.92
C PRO A 199 8.83 -18.90 6.10
N ILE A 200 9.66 -19.57 5.28
CA ILE A 200 11.10 -19.47 5.35
C ILE A 200 11.57 -18.05 4.95
N LEU A 201 10.98 -17.52 3.88
CA LEU A 201 11.24 -16.15 3.44
C LEU A 201 10.89 -15.17 4.56
N ILE A 202 9.75 -15.40 5.21
CA ILE A 202 9.32 -14.53 6.26
C ILE A 202 10.26 -14.57 7.48
N LYS A 203 10.71 -15.77 7.85
CA LYS A 203 11.68 -15.93 8.99
C LYS A 203 13.00 -15.26 8.72
N GLU A 204 13.49 -15.36 7.49
CA GLU A 204 14.74 -14.77 7.11
C GLU A 204 14.66 -13.25 7.00
N ALA A 205 13.57 -12.75 6.45
CA ALA A 205 13.33 -11.29 6.50
C ALA A 205 13.28 -10.83 7.99
N THR A 206 12.51 -11.54 8.81
CA THR A 206 12.42 -11.24 10.24
C THR A 206 13.83 -11.13 10.87
N ARG A 207 14.70 -12.09 10.52
CA ARG A 207 16.04 -12.17 11.06
C ARG A 207 16.88 -10.96 10.64
N ARG A 208 16.98 -10.70 9.35
CA ARG A 208 17.65 -9.49 8.85
C ARG A 208 17.15 -8.17 9.51
N VAL A 209 15.84 -8.02 9.66
CA VAL A 209 15.30 -6.83 10.33
C VAL A 209 15.63 -6.77 11.83
N ASN A 210 15.42 -7.86 12.56
CA ASN A 210 15.83 -7.89 13.98
C ASN A 210 17.34 -7.66 14.13
N ARG A 211 18.15 -8.09 13.17
CA ARG A 211 19.59 -7.83 13.24
C ARG A 211 19.89 -6.34 13.16
N THR A 212 18.95 -5.55 12.68
CA THR A 212 19.16 -4.11 12.64
C THR A 212 18.39 -3.43 13.77
N ASN A 213 17.94 -4.21 14.76
CA ASN A 213 17.36 -3.68 16.01
C ASN A 213 15.97 -3.06 15.77
N VAL A 214 15.25 -3.68 14.83
CA VAL A 214 13.83 -3.38 14.57
C VAL A 214 12.99 -4.63 14.91
N TRP A 215 11.91 -4.44 15.68
CA TRP A 215 11.18 -5.55 16.31
C TRP A 215 9.71 -5.69 15.86
N GLN A 216 9.19 -4.64 15.24
CA GLN A 216 7.84 -4.59 14.65
C GLN A 216 7.92 -4.46 13.11
N ALA A 217 6.86 -4.95 12.44
CA ALA A 217 6.66 -4.66 11.03
C ALA A 217 5.18 -4.33 10.75
N VAL A 218 4.88 -3.61 9.66
CA VAL A 218 3.51 -3.43 9.25
C VAL A 218 3.37 -4.01 7.82
N TYR A 219 2.30 -4.73 7.56
CA TYR A 219 2.07 -5.24 6.21
C TYR A 219 0.59 -5.25 5.90
N THR A 220 0.25 -5.36 4.60
CA THR A 220 -1.13 -5.53 4.19
C THR A 220 -1.31 -6.75 3.30
N ALA A 221 -2.55 -7.22 3.20
CA ALA A 221 -2.83 -8.34 2.28
C ALA A 221 -4.28 -8.28 1.80
N GLY A 222 -4.52 -8.90 0.63
CA GLY A 222 -5.84 -9.11 0.09
C GLY A 222 -6.55 -10.33 0.73
N VAL A 223 -5.83 -11.09 1.56
CA VAL A 223 -6.38 -12.31 2.16
C VAL A 223 -6.45 -12.17 3.69
N LEU A 224 -7.22 -13.03 4.33
CA LEU A 224 -7.37 -12.96 5.76
C LEU A 224 -6.34 -13.86 6.34
N LEU A 225 -5.59 -13.29 7.28
CA LEU A 225 -4.51 -13.96 7.97
C LEU A 225 -4.74 -13.66 9.44
N PRO A 226 -4.02 -14.32 10.34
CA PRO A 226 -4.13 -13.83 11.72
C PRO A 226 -3.15 -12.67 11.97
N THR A 227 -3.61 -11.53 12.49
CA THR A 227 -5.01 -11.13 12.59
C THR A 227 -5.03 -9.65 12.25
N PRO A 228 -5.99 -9.17 11.44
CA PRO A 228 -5.92 -7.76 11.04
C PRO A 228 -6.36 -6.82 12.14
N TYR A 229 -5.75 -5.63 12.22
CA TYR A 229 -6.26 -4.58 13.10
C TYR A 229 -7.23 -3.69 12.38
N ALA A 230 -7.14 -3.62 11.06
CA ALA A 230 -8.15 -2.90 10.28
C ALA A 230 -8.42 -3.61 8.98
N SER A 231 -9.55 -3.28 8.38
CA SER A 231 -9.91 -3.84 7.09
C SER A 231 -10.70 -2.83 6.30
N GLY A 232 -10.32 -2.61 5.06
CA GLY A 232 -10.95 -1.57 4.26
C GLY A 232 -11.33 -2.13 2.91
N GLN A 233 -12.51 -1.75 2.45
CA GLN A 233 -12.96 -2.15 1.12
C GLN A 233 -12.31 -1.33 -0.03
N TYR A 234 -12.11 -1.99 -1.16
CA TYR A 234 -11.72 -1.31 -2.38
C TYR A 234 -12.83 -0.54 -3.09
N PHE A 235 -12.45 0.57 -3.72
CA PHE A 235 -13.36 1.37 -4.49
C PHE A 235 -12.71 1.66 -5.81
N HIS A 236 -13.53 1.75 -6.86
CA HIS A 236 -13.04 2.00 -8.23
C HIS A 236 -13.82 3.09 -8.94
N ARG A 237 -13.13 3.88 -9.73
CA ARG A 237 -13.79 4.94 -10.46
C ARG A 237 -13.42 4.82 -11.92
N SER A 238 -14.40 4.40 -12.72
CA SER A 238 -14.18 4.20 -14.14
C SER A 238 -13.83 5.48 -14.83
N LEU A 239 -12.74 5.43 -15.55
CA LEU A 239 -12.31 6.53 -16.41
C LEU A 239 -12.53 6.10 -17.88
N ASN A 240 -12.35 4.81 -18.16
CA ASN A 240 -12.60 4.26 -19.49
C ASN A 240 -13.64 3.11 -19.51
N PRO A 241 -14.92 3.39 -19.28
CA PRO A 241 -15.87 2.27 -19.03
C PRO A 241 -16.00 1.26 -20.16
N GLU A 242 -15.92 1.70 -21.41
CA GLU A 242 -15.97 0.75 -22.53
C GLU A 242 -14.91 -0.36 -22.40
N LYS A 243 -13.66 0.02 -22.15
CA LYS A 243 -12.55 -0.92 -22.00
C LYS A 243 -12.80 -1.79 -20.74
N LEU A 244 -13.17 -1.14 -19.65
CA LEU A 244 -13.43 -1.85 -18.38
C LEU A 244 -14.50 -2.95 -18.48
N VAL A 245 -15.58 -2.67 -19.22
CA VAL A 245 -16.63 -3.67 -19.50
C VAL A 245 -16.08 -4.77 -20.45
N GLU A 246 -15.44 -4.38 -21.55
CA GLU A 246 -14.83 -5.37 -22.44
C GLU A 246 -13.95 -6.40 -21.69
N ILE A 247 -13.02 -5.96 -20.83
CA ILE A 247 -12.15 -6.88 -20.08
C ILE A 247 -12.79 -7.52 -18.83
N ARG A 248 -13.98 -7.05 -18.46
CA ARG A 248 -14.76 -7.63 -17.37
C ARG A 248 -14.26 -7.22 -16.00
N PHE A 249 -13.56 -6.10 -15.95
CA PHE A 249 -13.34 -5.45 -14.71
C PHE A 249 -14.72 -5.08 -14.12
N SER A 250 -15.57 -4.51 -14.98
CA SER A 250 -16.89 -3.92 -14.67
C SER A 250 -18.03 -4.69 -15.30
N GLY A 251 -19.19 -4.67 -14.63
CA GLY A 251 -20.45 -5.11 -15.25
C GLY A 251 -21.27 -3.91 -15.73
N ILE A 252 -22.15 -4.13 -16.71
CA ILE A 252 -23.22 -3.21 -17.05
C ILE A 252 -24.35 -3.56 -16.08
N PRO A 253 -24.81 -2.58 -15.25
CA PRO A 253 -25.96 -2.91 -14.38
C PRO A 253 -27.23 -3.21 -15.17
N ALA A 254 -28.02 -4.14 -14.64
CA ALA A 254 -29.34 -4.48 -15.20
C ALA A 254 -30.16 -3.27 -15.65
N GLN A 255 -30.31 -2.28 -14.76
CA GLN A 255 -31.00 -1.01 -15.07
C GLN A 255 -30.58 -0.36 -16.38
N TYR A 256 -29.42 -0.76 -16.91
CA TYR A 256 -28.91 -0.23 -18.18
C TYR A 256 -29.53 -0.95 -19.37
N GLN A 257 -30.11 -2.12 -19.12
CA GLN A 257 -30.70 -2.91 -20.21
C GLN A 257 -32.01 -2.26 -20.68
N LYS A 258 -32.84 -1.84 -19.72
CA LYS A 258 -34.03 -1.02 -20.01
C LYS A 258 -33.63 0.42 -20.48
N PHE A 259 -32.55 0.47 -21.25
CA PHE A 259 -32.12 1.63 -22.06
C PHE A 259 -31.87 1.14 -23.48
N GLN A 260 -31.96 2.06 -24.43
CA GLN A 260 -31.82 1.76 -25.86
C GLN A 260 -30.41 1.27 -26.22
N ASN A 261 -29.43 2.08 -25.85
CA ASN A 261 -28.02 1.85 -26.21
C ASN A 261 -27.13 1.82 -24.92
N PRO A 262 -27.15 0.68 -24.20
CA PRO A 262 -26.40 0.58 -22.94
C PRO A 262 -25.06 1.36 -22.90
N MET A 263 -24.19 1.15 -23.88
CA MET A 263 -22.81 1.64 -23.82
C MET A 263 -22.61 3.17 -23.98
N ALA A 264 -23.51 3.85 -24.69
CA ALA A 264 -23.39 5.31 -24.82
C ALA A 264 -23.80 5.99 -23.51
N MET A 265 -24.79 5.40 -22.81
CA MET A 265 -25.25 5.83 -21.49
C MET A 265 -24.11 5.76 -20.46
N LEU A 266 -23.45 4.60 -20.39
CA LEU A 266 -22.33 4.35 -19.51
C LEU A 266 -21.20 5.38 -19.72
N LYS A 267 -20.76 5.49 -20.97
CA LYS A 267 -19.73 6.44 -21.33
C LYS A 267 -20.11 7.87 -20.91
N ARG A 268 -21.36 8.25 -21.19
CA ARG A 268 -21.92 9.55 -20.81
C ARG A 268 -21.94 9.73 -19.28
N ASN A 269 -22.34 8.70 -18.57
CA ASN A 269 -22.34 8.79 -17.14
C ASN A 269 -20.97 9.05 -16.46
N TYR A 270 -19.88 8.52 -17.02
CA TYR A 270 -18.57 8.61 -16.36
C TYR A 270 -17.62 9.67 -16.94
N GLN A 271 -18.15 10.42 -17.89
CA GLN A 271 -17.44 11.45 -18.60
C GLN A 271 -16.90 12.48 -17.62
N LEU A 272 -15.81 13.13 -18.03
CA LEU A 272 -15.07 14.10 -17.22
C LEU A 272 -14.54 15.22 -18.12
N PRO A 273 -14.44 16.47 -17.55
CA PRO A 273 -13.73 17.63 -18.15
C PRO A 273 -12.36 17.20 -18.57
N SER A 274 -11.79 17.90 -19.54
CA SER A 274 -10.48 17.59 -20.08
C SER A 274 -9.42 18.36 -19.32
N ALA A 275 -9.84 19.43 -18.67
CA ALA A 275 -8.89 20.23 -17.96
C ALA A 275 -9.35 20.44 -16.53
N PRO A 276 -8.42 20.39 -15.56
CA PRO A 276 -8.71 20.60 -14.14
C PRO A 276 -9.50 21.89 -13.85
N LYS A 277 -10.24 21.94 -12.75
CA LYS A 277 -11.11 23.08 -12.44
C LYS A 277 -10.49 24.05 -11.44
N ASN A 278 -9.56 23.58 -10.60
CA ASN A 278 -8.93 24.49 -9.64
C ASN A 278 -7.86 25.31 -10.34
N SER A 279 -8.08 26.63 -10.41
CA SER A 279 -7.07 27.58 -10.89
C SER A 279 -5.83 27.49 -10.00
N GLY A 280 -4.68 27.58 -10.62
CA GLY A 280 -3.48 27.40 -9.79
C GLY A 280 -3.16 25.98 -9.34
N LEU A 281 -3.66 24.97 -10.08
CA LEU A 281 -3.18 23.60 -9.97
C LEU A 281 -2.00 23.46 -10.89
N ARG A 282 -0.94 22.85 -10.40
CA ARG A 282 0.23 22.55 -11.22
C ARG A 282 0.92 21.34 -10.61
N GLU A 283 1.92 20.77 -11.28
CA GLU A 283 2.68 19.65 -10.69
C GLU A 283 3.57 20.13 -9.55
N MET A 284 3.79 19.29 -8.55
CA MET A 284 4.71 19.60 -7.51
C MET A 284 6.10 19.84 -8.08
N LYS A 285 6.88 20.71 -7.42
CA LYS A 285 8.30 20.92 -7.73
C LYS A 285 9.09 20.76 -6.41
N PRO A 286 10.44 20.52 -6.47
CA PRO A 286 11.28 20.45 -5.25
C PRO A 286 11.06 21.59 -4.23
N SER A 287 10.89 22.84 -4.65
CA SER A 287 10.66 23.88 -3.65
C SER A 287 9.35 23.70 -2.82
N ASP A 288 8.39 22.91 -3.33
CA ASP A 288 7.15 22.72 -2.57
C ASP A 288 7.31 21.78 -1.34
N VAL A 289 8.42 21.04 -1.28
CA VAL A 289 8.63 19.98 -0.26
C VAL A 289 8.26 20.37 1.15
N PRO A 290 8.80 21.52 1.70
CA PRO A 290 8.47 21.83 3.09
C PRO A 290 6.99 22.13 3.37
N GLN A 291 6.34 22.89 2.50
CA GLN A 291 4.91 23.17 2.65
C GLN A 291 4.05 21.88 2.54
N VAL A 292 4.41 20.99 1.60
CA VAL A 292 3.62 19.77 1.38
C VAL A 292 3.79 18.93 2.64
N ARG A 293 5.04 18.81 3.11
CA ARG A 293 5.33 18.09 4.33
C ARG A 293 4.48 18.62 5.49
N ARG A 294 4.51 19.93 5.69
CA ARG A 294 3.72 20.55 6.74
C ARG A 294 2.19 20.26 6.55
N ILE A 295 1.60 20.52 5.40
CA ILE A 295 0.18 20.27 5.31
C ILE A 295 -0.20 18.79 5.44
N LEU A 296 0.64 17.90 4.91
CA LEU A 296 0.45 16.44 5.04
C LEU A 296 0.53 16.04 6.49
N MET A 297 1.61 16.41 7.18
CA MET A 297 1.77 16.01 8.57
C MET A 297 0.65 16.51 9.49
N ASN A 298 0.16 17.70 9.26
CA ASN A 298 -0.97 18.21 10.04
C ASN A 298 -2.21 17.33 9.83
N TYR A 299 -2.48 16.98 8.58
CA TYR A 299 -3.59 16.13 8.25
C TYR A 299 -3.36 14.71 8.80
N LEU A 300 -2.19 14.10 8.58
CA LEU A 300 -2.02 12.69 8.99
C LEU A 300 -2.07 12.55 10.51
N ASP A 301 -1.66 13.59 11.20
CA ASP A 301 -1.77 13.63 12.65
C ASP A 301 -3.12 13.31 13.25
N SER A 302 -4.21 13.56 12.54
CA SER A 302 -5.49 13.21 13.10
C SER A 302 -5.83 11.71 13.08
N PHE A 303 -5.05 10.87 12.38
CA PHE A 303 -5.37 9.42 12.34
C PHE A 303 -4.65 8.68 13.45
N ASP A 304 -5.24 7.61 13.98
CA ASP A 304 -4.57 6.69 14.91
C ASP A 304 -3.32 6.01 14.38
N VAL A 305 -3.33 5.47 13.16
CA VAL A 305 -2.14 4.86 12.58
C VAL A 305 -1.75 5.66 11.32
N GLY A 306 -0.50 6.13 11.27
CA GLY A 306 -0.08 6.91 10.15
C GLY A 306 1.42 7.12 10.11
N PRO A 307 1.97 7.38 8.93
CA PRO A 307 3.39 7.56 8.84
C PRO A 307 3.84 9.02 9.20
N VAL A 308 5.12 9.18 9.56
CA VAL A 308 5.76 10.48 9.73
C VAL A 308 6.86 10.54 8.67
N PHE A 309 6.87 11.61 7.90
CA PHE A 309 7.81 11.70 6.78
C PHE A 309 8.74 12.92 6.98
N SER A 310 10.01 12.73 6.66
CA SER A 310 10.98 13.84 6.61
C SER A 310 10.91 14.51 5.21
N ASP A 311 11.64 15.63 5.02
CA ASP A 311 11.68 16.35 3.72
C ASP A 311 12.11 15.43 2.59
N ALA A 312 13.19 14.68 2.81
CA ALA A 312 13.72 13.69 1.89
C ALA A 312 12.72 12.57 1.55
N GLU A 313 11.85 12.19 2.49
CA GLU A 313 10.82 11.18 2.23
C GLU A 313 9.63 11.81 1.49
N ILE A 314 9.37 13.09 1.76
CA ILE A 314 8.36 13.80 1.00
C ILE A 314 8.83 13.93 -0.45
N SER A 315 10.11 14.27 -0.69
CA SER A 315 10.59 14.36 -2.06
C SER A 315 10.54 13.00 -2.69
N HIS A 316 11.10 11.99 -2.05
CA HIS A 316 11.13 10.67 -2.67
C HIS A 316 9.70 10.15 -3.00
N TYR A 317 8.78 10.24 -2.03
CA TYR A 317 7.47 9.59 -2.19
C TYR A 317 6.47 10.35 -3.02
N LEU A 318 6.70 11.64 -3.16
CA LEU A 318 5.73 12.55 -3.82
C LEU A 318 6.19 13.39 -5.05
N LEU A 319 7.48 13.71 -5.19
CA LEU A 319 7.91 14.45 -6.41
C LEU A 319 7.59 13.64 -7.66
N PRO A 320 7.14 14.29 -8.75
CA PRO A 320 6.76 13.50 -9.94
C PRO A 320 7.93 12.70 -10.51
N ARG A 321 7.70 11.43 -10.86
CA ARG A 321 8.58 10.61 -11.70
C ARG A 321 7.67 9.98 -12.73
N ASP A 322 8.08 10.02 -13.99
CA ASP A 322 7.23 9.71 -15.15
C ASP A 322 6.86 8.23 -15.14
N GLY A 323 5.60 7.92 -15.44
CA GLY A 323 5.12 6.51 -15.38
C GLY A 323 4.86 5.96 -13.96
N VAL A 324 5.18 6.73 -12.91
CA VAL A 324 5.27 6.18 -11.54
C VAL A 324 4.33 6.89 -10.57
N VAL A 325 4.64 8.16 -10.27
CA VAL A 325 3.91 8.95 -9.30
C VAL A 325 3.70 10.34 -9.87
N PHE A 326 2.52 10.90 -9.59
CA PHE A 326 1.96 12.08 -10.23
C PHE A 326 1.38 12.91 -9.10
N THR A 327 1.79 14.15 -8.99
CA THR A 327 1.51 14.92 -7.77
C THR A 327 1.28 16.33 -8.15
N TYR A 328 0.18 16.87 -7.67
CA TYR A 328 -0.26 18.21 -7.99
C TYR A 328 -0.56 19.01 -6.76
N VAL A 329 -0.25 20.28 -6.83
CA VAL A 329 -0.49 21.14 -5.68
C VAL A 329 -1.45 22.23 -6.11
N VAL A 330 -2.18 22.75 -5.14
CA VAL A 330 -2.89 24.01 -5.35
C VAL A 330 -2.04 25.10 -4.71
N GLU A 331 -1.57 26.00 -5.55
CA GLU A 331 -0.81 27.13 -5.04
C GLU A 331 -1.62 28.37 -5.29
N ASN A 332 -1.92 29.06 -4.20
CA ASN A 332 -2.41 30.40 -4.33
C ASN A 332 -1.66 31.35 -3.42
N ASP A 333 -1.17 32.42 -4.07
CA ASP A 333 -0.39 33.50 -3.45
C ASP A 333 0.94 32.99 -2.98
N LYS A 334 1.62 32.29 -3.89
CA LYS A 334 2.87 31.59 -3.53
C LYS A 334 2.73 30.65 -2.26
N LYS A 335 1.52 30.27 -1.90
CA LYS A 335 1.33 29.31 -0.81
C LYS A 335 0.67 28.02 -1.35
N VAL A 336 1.31 26.89 -1.09
CA VAL A 336 0.65 25.59 -1.28
C VAL A 336 -0.35 25.34 -0.18
N THR A 337 -1.62 25.36 -0.56
CA THR A 337 -2.73 25.11 0.37
C THR A 337 -3.37 23.72 0.24
N ASP A 338 -3.22 23.09 -0.93
CA ASP A 338 -3.81 21.77 -1.19
C ASP A 338 -2.84 20.96 -2.07
N PHE A 339 -2.83 19.64 -1.94
CA PHE A 339 -2.20 18.77 -2.94
C PHE A 339 -2.89 17.43 -3.06
N PHE A 340 -2.61 16.74 -4.16
CA PHE A 340 -2.96 15.34 -4.24
C PHE A 340 -1.93 14.60 -5.09
N SER A 341 -1.91 13.28 -4.92
CA SER A 341 -0.99 12.41 -5.60
C SER A 341 -1.69 11.09 -5.94
N PHE A 342 -1.28 10.47 -7.06
CA PHE A 342 -1.60 9.10 -7.31
C PHE A 342 -0.43 8.39 -7.96
N TYR A 343 -0.41 7.05 -7.88
CA TYR A 343 0.64 6.29 -8.51
C TYR A 343 0.04 5.23 -9.45
N ARG A 344 0.84 4.80 -10.41
CA ARG A 344 0.41 3.91 -11.50
C ARG A 344 0.79 2.46 -11.22
N ILE A 345 -0.19 1.56 -11.24
CA ILE A 345 0.13 0.19 -11.39
C ILE A 345 -0.69 -0.44 -12.52
N PRO A 346 -0.05 -0.76 -13.66
CA PRO A 346 -0.77 -1.44 -14.69
C PRO A 346 -0.96 -2.90 -14.28
N SER A 347 -2.12 -3.48 -14.62
CA SER A 347 -2.31 -4.92 -14.47
C SER A 347 -2.41 -5.59 -15.82
N THR A 348 -1.72 -6.73 -15.93
CA THR A 348 -1.88 -7.64 -17.04
C THR A 348 -3.31 -8.20 -17.11
N VAL A 349 -3.91 -8.08 -18.28
CA VAL A 349 -5.20 -8.66 -18.57
C VAL A 349 -4.96 -10.09 -19.12
N ILE A 350 -5.28 -11.09 -18.31
CA ILE A 350 -4.80 -12.43 -18.53
C ILE A 350 -5.46 -13.10 -19.72
N GLY A 351 -6.79 -13.18 -19.72
CA GLY A 351 -7.54 -13.94 -20.75
C GLY A 351 -8.14 -13.21 -21.96
N ASN A 352 -8.21 -11.88 -21.91
CA ASN A 352 -8.50 -11.05 -23.08
C ASN A 352 -7.18 -10.84 -23.82
N SER A 353 -7.21 -11.09 -25.13
CA SER A 353 -6.04 -10.91 -26.00
C SER A 353 -6.11 -9.65 -26.88
N ASN A 354 -7.23 -8.91 -26.85
CA ASN A 354 -7.31 -7.55 -27.45
C ASN A 354 -6.59 -6.44 -26.62
N TYR A 355 -6.34 -6.72 -25.35
CA TYR A 355 -5.72 -5.74 -24.47
C TYR A 355 -4.59 -6.37 -23.70
N ASN A 356 -3.44 -5.71 -23.66
CA ASN A 356 -2.39 -6.23 -22.81
C ASN A 356 -2.61 -5.81 -21.35
N LEU A 357 -3.03 -4.55 -21.12
CA LEU A 357 -2.97 -3.96 -19.78
C LEU A 357 -4.20 -3.14 -19.42
N LEU A 358 -4.52 -3.21 -18.12
CA LEU A 358 -5.41 -2.28 -17.46
C LEU A 358 -4.50 -1.22 -16.86
N ASN A 359 -4.70 0.05 -17.20
CA ASN A 359 -3.84 1.13 -16.69
C ASN A 359 -4.52 1.80 -15.45
N ALA A 360 -4.09 1.41 -14.24
CA ALA A 360 -4.83 1.85 -13.03
C ALA A 360 -4.06 2.95 -12.26
N ALA A 361 -4.76 4.00 -11.86
CA ALA A 361 -4.20 5.06 -10.99
C ALA A 361 -4.69 4.80 -9.60
N TYR A 362 -3.81 4.86 -8.59
CA TYR A 362 -4.13 4.58 -7.18
C TYR A 362 -4.02 5.87 -6.39
N VAL A 363 -5.10 6.23 -5.72
CA VAL A 363 -5.07 7.40 -4.88
C VAL A 363 -3.93 7.26 -3.85
N HIS A 364 -3.03 8.25 -3.78
CA HIS A 364 -1.86 8.18 -2.90
C HIS A 364 -2.18 9.19 -1.78
N TYR A 365 -1.20 9.88 -1.18
CA TYR A 365 -1.53 10.91 -0.14
C TYR A 365 -2.15 12.17 -0.75
N TYR A 366 -2.82 12.95 0.08
CA TYR A 366 -3.32 14.23 -0.29
C TYR A 366 -3.54 15.03 0.99
N ALA A 367 -3.85 16.33 0.88
CA ALA A 367 -4.37 17.12 2.00
C ALA A 367 -5.16 18.26 1.35
N ALA A 368 -6.31 18.61 1.91
CA ALA A 368 -7.02 19.81 1.48
C ALA A 368 -7.17 20.76 2.63
N THR A 369 -6.75 22.03 2.47
CA THR A 369 -7.13 23.07 3.48
C THR A 369 -8.01 24.23 2.93
N SER A 370 -8.15 24.35 1.62
CA SER A 370 -8.78 25.54 1.07
C SER A 370 -10.07 25.23 0.32
N ILE A 371 -10.25 23.96 -0.04
CA ILE A 371 -11.43 23.54 -0.83
C ILE A 371 -11.96 22.21 -0.34
N PRO A 372 -13.22 21.89 -0.68
CA PRO A 372 -13.72 20.59 -0.26
C PRO A 372 -12.90 19.47 -0.95
N LEU A 373 -12.62 18.43 -0.18
CA LEU A 373 -11.93 17.26 -0.68
C LEU A 373 -12.45 16.70 -2.01
N HIS A 374 -13.77 16.65 -2.19
CA HIS A 374 -14.36 16.18 -3.47
C HIS A 374 -13.99 17.09 -4.63
N GLN A 375 -13.77 18.36 -4.33
CA GLN A 375 -13.35 19.27 -5.35
C GLN A 375 -11.86 19.05 -5.70
N LEU A 376 -11.09 18.72 -4.69
CA LEU A 376 -9.70 18.46 -4.93
C LEU A 376 -9.56 17.19 -5.76
N ILE A 377 -10.25 16.14 -5.32
CA ILE A 377 -10.08 14.84 -5.93
C ILE A 377 -10.73 14.74 -7.33
N LEU A 378 -11.72 15.58 -7.64
CA LEU A 378 -12.22 15.63 -9.03
C LEU A 378 -11.08 15.97 -9.98
N ASP A 379 -10.26 16.91 -9.60
CA ASP A 379 -9.08 17.16 -10.40
C ASP A 379 -8.12 15.95 -10.54
N LEU A 380 -8.06 15.09 -9.52
CA LEU A 380 -7.28 13.85 -9.62
C LEU A 380 -7.88 13.02 -10.76
N LEU A 381 -9.19 12.79 -10.73
CA LEU A 381 -9.83 11.99 -11.80
C LEU A 381 -9.57 12.58 -13.19
N ILE A 382 -9.65 13.90 -13.28
CA ILE A 382 -9.54 14.60 -14.56
C ILE A 382 -8.17 14.42 -15.12
N VAL A 383 -7.17 14.72 -14.31
CA VAL A 383 -5.78 14.45 -14.69
C VAL A 383 -5.56 12.96 -15.03
N ALA A 384 -5.99 12.06 -14.16
CA ALA A 384 -5.74 10.63 -14.45
C ALA A 384 -6.32 10.28 -15.83
N HIS A 385 -7.53 10.73 -16.10
CA HIS A 385 -8.22 10.39 -17.36
C HIS A 385 -7.53 10.98 -18.62
N SER A 386 -7.18 12.25 -18.55
CA SER A 386 -6.46 12.92 -19.62
C SER A 386 -5.09 12.29 -19.91
N ARG A 387 -4.47 11.67 -18.90
CA ARG A 387 -3.17 10.98 -19.12
C ARG A 387 -3.35 9.50 -19.51
N GLY A 388 -4.55 9.13 -19.94
CA GLY A 388 -4.81 7.76 -20.37
C GLY A 388 -5.05 6.64 -19.37
N PHE A 389 -5.31 6.93 -18.09
CA PHE A 389 -5.60 5.83 -17.18
C PHE A 389 -6.99 5.28 -17.38
N ASP A 390 -7.16 3.97 -17.19
CA ASP A 390 -8.50 3.35 -17.35
C ASP A 390 -9.43 3.42 -16.12
N VAL A 391 -8.87 3.55 -14.92
CA VAL A 391 -9.63 3.41 -13.68
C VAL A 391 -8.84 4.04 -12.55
N CYS A 392 -9.55 4.54 -11.55
CA CYS A 392 -8.89 5.08 -10.43
C CYS A 392 -9.33 4.21 -9.27
N ASN A 393 -8.34 3.65 -8.56
CA ASN A 393 -8.57 2.74 -7.43
C ASN A 393 -8.16 3.36 -6.08
N MET A 394 -8.75 2.85 -5.00
CA MET A 394 -8.37 3.30 -3.64
C MET A 394 -9.01 2.36 -2.63
N VAL A 395 -8.47 2.35 -1.42
CA VAL A 395 -9.06 1.65 -0.29
C VAL A 395 -9.72 2.74 0.59
N GLU A 396 -10.74 2.37 1.33
CA GLU A 396 -11.49 3.35 2.16
C GLU A 396 -10.75 3.81 3.45
N ILE A 397 -9.45 4.09 3.37
CA ILE A 397 -8.68 4.72 4.44
C ILE A 397 -8.71 6.24 4.31
N LEU A 398 -7.93 6.93 5.16
CA LEU A 398 -7.95 8.38 5.18
C LEU A 398 -9.42 8.90 5.19
N ASP A 399 -9.69 9.93 4.43
CA ASP A 399 -11.06 10.41 4.29
C ASP A 399 -11.62 10.05 2.92
N ASN A 400 -11.20 8.90 2.38
CA ASN A 400 -11.60 8.43 1.06
C ASN A 400 -13.13 8.21 0.90
N ARG A 401 -13.83 7.76 1.96
CA ARG A 401 -15.28 7.67 1.99
C ARG A 401 -16.04 8.98 1.69
N SER A 402 -15.42 10.14 1.94
CA SER A 402 -16.12 11.41 1.88
C SER A 402 -16.39 11.86 0.45
N PHE A 403 -15.70 11.29 -0.52
CA PHE A 403 -15.94 11.66 -1.90
C PHE A 403 -16.46 10.54 -2.84
N VAL A 404 -16.92 9.43 -2.28
CA VAL A 404 -17.24 8.20 -3.03
C VAL A 404 -18.42 8.38 -3.94
N GLU A 405 -19.52 8.83 -3.34
CA GLU A 405 -20.78 9.05 -4.09
C GLU A 405 -20.70 10.21 -5.05
N GLN A 406 -20.27 11.41 -4.61
CA GLN A 406 -20.18 12.52 -5.57
C GLN A 406 -19.21 12.27 -6.72
N LEU A 407 -18.13 11.54 -6.52
CA LEU A 407 -17.20 11.31 -7.62
C LEU A 407 -17.49 10.01 -8.40
N LYS A 408 -18.54 9.29 -7.96
CA LYS A 408 -19.05 8.08 -8.63
C LYS A 408 -18.10 6.87 -8.53
N PHE A 409 -17.43 6.71 -7.39
CA PHE A 409 -16.67 5.50 -7.10
C PHE A 409 -17.68 4.38 -6.70
N GLY A 410 -17.48 3.14 -7.12
CA GLY A 410 -18.30 2.05 -6.63
C GLY A 410 -17.44 1.10 -5.84
N ALA A 411 -17.98 0.52 -4.77
CA ALA A 411 -17.30 -0.54 -4.01
C ALA A 411 -16.92 -1.72 -4.91
N GLY A 412 -15.74 -2.29 -4.69
CA GLY A 412 -15.33 -3.48 -5.38
C GLY A 412 -15.46 -4.67 -4.44
N ASP A 413 -15.12 -5.85 -4.93
CA ASP A 413 -15.33 -7.03 -4.09
C ASP A 413 -14.11 -7.37 -3.19
N GLY A 414 -13.01 -6.64 -3.32
CA GLY A 414 -11.87 -6.90 -2.45
C GLY A 414 -11.80 -6.11 -1.14
N HIS A 415 -10.99 -6.60 -0.21
CA HIS A 415 -10.64 -5.89 0.98
C HIS A 415 -9.13 -5.93 1.19
N LEU A 416 -8.55 -4.82 1.60
CA LEU A 416 -7.18 -4.73 2.05
C LEU A 416 -7.19 -4.77 3.59
N ARG A 417 -6.48 -5.75 4.18
CA ARG A 417 -6.41 -5.93 5.64
C ARG A 417 -5.07 -5.45 6.05
N TYR A 418 -5.02 -4.78 7.19
CA TYR A 418 -3.83 -4.18 7.68
C TYR A 418 -3.33 -4.97 8.91
N TYR A 419 -2.03 -5.24 8.97
CA TYR A 419 -1.49 -6.16 9.97
C TYR A 419 -0.28 -5.58 10.58
N PHE A 420 -0.08 -5.90 11.86
CA PHE A 420 1.21 -5.69 12.54
C PHE A 420 1.87 -7.02 12.85
N TYR A 421 3.20 -7.06 12.72
CA TYR A 421 4.03 -8.11 13.27
C TYR A 421 4.61 -7.73 14.64
N ASN A 422 4.43 -8.58 15.63
CA ASN A 422 4.91 -8.30 17.02
C ASN A 422 4.37 -6.97 17.64
N TRP A 423 3.06 -6.75 17.58
CA TRP A 423 2.46 -5.49 18.04
C TRP A 423 0.98 -5.76 18.36
N ALA A 424 0.62 -5.73 19.65
CA ALA A 424 -0.78 -5.81 20.03
C ALA A 424 -1.44 -4.48 19.68
N TYR A 425 -2.54 -4.53 18.94
CA TYR A 425 -3.24 -3.33 18.53
C TYR A 425 -4.77 -3.61 18.47
N PRO A 426 -5.57 -2.77 19.15
CA PRO A 426 -7.03 -2.96 19.13
C PRO A 426 -7.61 -2.80 17.71
N LYS A 427 -8.80 -3.33 17.48
CA LYS A 427 -9.47 -3.18 16.19
C LYS A 427 -9.71 -1.69 16.01
N ILE A 428 -9.51 -1.16 14.79
CA ILE A 428 -9.93 0.21 14.44
C ILE A 428 -10.58 0.21 13.08
N LYS A 429 -11.31 1.28 12.82
CA LYS A 429 -11.95 1.45 11.54
C LYS A 429 -10.92 1.84 10.48
N PRO A 430 -11.16 1.47 9.22
CA PRO A 430 -10.16 1.85 8.21
C PRO A 430 -10.03 3.38 8.04
N SER A 431 -11.07 4.15 8.38
CA SER A 431 -10.95 5.61 8.36
C SER A 431 -10.09 6.20 9.50
N GLN A 432 -9.52 5.35 10.32
CA GLN A 432 -8.51 5.78 11.28
C GLN A 432 -7.08 5.36 10.84
N VAL A 433 -6.95 4.85 9.61
CA VAL A 433 -5.64 4.50 9.03
C VAL A 433 -5.24 5.52 7.96
N ALA A 434 -4.00 5.99 8.06
CA ALA A 434 -3.45 6.99 7.16
C ALA A 434 -2.15 6.52 6.45
N LEU A 435 -1.86 5.21 6.49
CA LEU A 435 -0.75 4.62 5.75
C LEU A 435 -1.24 4.02 4.40
N VAL A 436 -0.70 4.54 3.30
CA VAL A 436 -1.05 4.05 1.95
C VAL A 436 -0.01 3.02 1.57
N MET A 437 -0.43 1.82 1.14
CA MET A 437 0.56 0.77 0.71
C MET A 437 0.77 0.88 -0.80
N LEU A 438 2.00 0.65 -1.24
CA LEU A 438 2.34 0.58 -2.67
C LEU A 438 2.05 -0.79 -3.30
#